data_5OC7
#
_entry.id   5OC7
#
_cell.length_a   29.683
_cell.length_b   62.606
_cell.length_c   67.378
_cell.angle_alpha   62.74
_cell.angle_beta   84.77
_cell.angle_gamma   89.29
#
_symmetry.space_group_name_H-M   'P 1'
#
loop_
_entity.id
_entity.type
_entity.pdbx_description
1 polymer 'Breakpoint cluster region protein,pleckstrin-homology domain of Bcr-Abl'
2 polymer 'monobody Mb(Bcr-PH_4)'
3 non-polymer GLYCEROL
4 non-polymer D-MYO-INOSITOL-4,5-BISPHOSPHATE
5 water water
#
loop_
_entity_poly.entity_id
_entity_poly.type
_entity_poly.pdbx_seq_one_letter_code
_entity_poly.pdbx_strand_id
1 'polypeptide(L)'
;GAMGEHRQLLKDSFMVELVEGARKLRHVFLFTDLLLCTKLKKQSGGKTQQYDCKWYIPLTDLSFQMVDEPSMAFRVHSRN
GKSYTFLISSDYERAEWRENIREQQKKCFRSFSLTSVELQMLTNSCVKLQTVH
;
D,A
2 'polypeptide(L)'
;GSVSSVPTKLEVVAATPTSLLISWDAPAVTVVFYVITYGETGGNSPVQEFTVPGSKSTATISGLKPGVDYTITVYAEYYG
MTGSPISINYRT
;
C,B
#
# COMPACT_ATOMS: atom_id res chain seq x y z
N ARG A 7 23.31 -21.63 -13.75
CA ARG A 7 22.83 -20.87 -12.57
C ARG A 7 21.41 -21.26 -12.13
N GLN A 8 21.16 -21.14 -10.83
CA GLN A 8 19.85 -21.44 -10.25
C GLN A 8 19.37 -20.27 -9.37
N LEU A 9 18.05 -20.19 -9.21
CA LEU A 9 17.46 -19.22 -8.28
C LEU A 9 17.56 -19.73 -6.85
N LEU A 10 18.03 -18.88 -5.96
CA LEU A 10 18.21 -19.24 -4.55
C LEU A 10 17.28 -18.52 -3.61
N LYS A 11 16.98 -17.25 -3.86
CA LYS A 11 16.18 -16.50 -2.90
C LYS A 11 15.55 -15.34 -3.66
N ASP A 12 14.38 -14.92 -3.23
CA ASP A 12 13.78 -13.76 -3.86
C ASP A 12 12.89 -13.10 -2.84
N SER A 13 12.80 -11.77 -2.92
N SER A 13 12.80 -11.77 -2.93
CA SER A 13 12.03 -11.00 -1.95
CA SER A 13 11.97 -11.02 -2.01
C SER A 13 11.68 -9.64 -2.53
C SER A 13 11.64 -9.67 -2.60
N PHE A 14 10.53 -9.11 -2.12
CA PHE A 14 10.23 -7.72 -2.35
C PHE A 14 11.03 -6.89 -1.37
N MET A 15 11.55 -5.77 -1.88
CA MET A 15 12.35 -4.87 -1.10
C MET A 15 12.08 -3.49 -1.63
N VAL A 16 12.49 -2.49 -0.87
CA VAL A 16 12.36 -1.10 -1.28
C VAL A 16 13.73 -0.55 -1.59
N GLU A 17 13.93 -0.09 -2.83
CA GLU A 17 15.15 0.60 -3.22
C GLU A 17 15.05 2.09 -2.93
N LEU A 18 16.08 2.63 -2.30
CA LEU A 18 16.17 4.05 -2.03
C LEU A 18 16.86 4.67 -3.24
N VAL A 19 16.16 5.57 -3.91
CA VAL A 19 16.77 6.24 -5.05
C VAL A 19 16.67 7.75 -4.80
N GLU A 20 17.18 8.54 -5.75
CA GLU A 20 17.13 10.00 -5.65
C GLU A 20 15.69 10.54 -5.54
N GLY A 21 15.29 11.02 -4.36
CA GLY A 21 13.95 11.57 -4.15
C GLY A 21 12.79 10.63 -4.26
N ALA A 22 13.00 9.31 -4.10
CA ALA A 22 11.87 8.40 -4.22
C ALA A 22 12.23 7.08 -3.55
N ARG A 23 11.20 6.27 -3.39
CA ARG A 23 11.31 4.89 -2.98
C ARG A 23 10.66 4.02 -4.03
N LYS A 24 11.35 2.97 -4.43
CA LYS A 24 10.86 2.14 -5.48
C LYS A 24 10.65 0.73 -4.94
N LEU A 25 9.47 0.17 -5.18
CA LEU A 25 9.22 -1.24 -4.86
C LEU A 25 9.87 -2.13 -5.89
N ARG A 26 10.78 -2.98 -5.44
CA ARG A 26 11.50 -3.88 -6.33
C ARG A 26 11.25 -5.32 -5.95
N HIS A 27 11.36 -6.20 -6.92
CA HIS A 27 11.43 -7.63 -6.65
C HIS A 27 12.87 -8.05 -6.91
N VAL A 28 13.56 -8.52 -5.87
CA VAL A 28 15.00 -8.77 -5.93
C VAL A 28 15.23 -10.28 -5.88
N PHE A 29 16.10 -10.77 -6.77
CA PHE A 29 16.37 -12.20 -6.93
C PHE A 29 17.83 -12.47 -6.70
N LEU A 30 18.15 -13.50 -5.88
CA LEU A 30 19.51 -13.98 -5.71
C LEU A 30 19.66 -15.27 -6.47
N PHE A 31 20.46 -15.26 -7.53
CA PHE A 31 20.86 -16.48 -8.21
C PHE A 31 22.23 -16.93 -7.73
N THR A 32 22.66 -18.10 -8.22
CA THR A 32 23.91 -18.65 -7.74
C THR A 32 25.10 -17.78 -8.09
N ASP A 33 25.01 -16.95 -9.15
CA ASP A 33 26.14 -16.12 -9.54
C ASP A 33 25.81 -14.65 -9.75
N LEU A 34 24.60 -14.18 -9.43
CA LEU A 34 24.30 -12.76 -9.63
C LEU A 34 23.11 -12.35 -8.77
N LEU A 35 23.05 -11.05 -8.48
CA LEU A 35 21.90 -10.43 -7.85
C LEU A 35 21.14 -9.61 -8.87
N LEU A 36 19.83 -9.80 -8.95
CA LEU A 36 19.04 -9.15 -9.99
C LEU A 36 17.96 -8.28 -9.36
N CYS A 37 17.84 -7.05 -9.84
CA CYS A 37 16.82 -6.13 -9.37
C CYS A 37 15.81 -5.88 -10.46
N THR A 38 14.54 -6.09 -10.14
CA THR A 38 13.47 -5.94 -11.12
C THR A 38 12.37 -5.09 -10.54
N LYS A 39 11.57 -4.53 -11.44
CA LYS A 39 10.34 -3.83 -11.07
C LYS A 39 9.15 -4.59 -11.61
N LEU A 40 8.01 -4.45 -10.94
CA LEU A 40 6.79 -5.07 -11.43
C LEU A 40 6.22 -4.25 -12.58
N LYS A 41 5.84 -4.93 -13.65
CA LYS A 41 5.21 -4.31 -14.81
C LYS A 41 6.25 -3.57 -15.65
N GLN A 50 4.55 -10.07 -15.33
CA GLN A 50 5.97 -10.15 -15.66
C GLN A 50 6.74 -9.02 -14.98
N TYR A 51 8.07 -9.11 -15.00
CA TYR A 51 8.92 -8.09 -14.42
C TYR A 51 9.74 -7.41 -15.51
N ASP A 52 10.46 -6.36 -15.10
CA ASP A 52 11.41 -5.68 -15.98
C ASP A 52 12.70 -5.47 -15.21
N CYS A 53 13.81 -5.90 -15.78
N CYS A 53 13.80 -5.99 -15.75
CA CYS A 53 15.08 -5.80 -15.08
CA CYS A 53 15.09 -5.80 -15.10
C CYS A 53 15.57 -4.37 -15.05
C CYS A 53 15.39 -4.31 -15.02
N LYS A 54 15.92 -3.91 -13.87
CA LYS A 54 16.50 -2.59 -13.69
C LYS A 54 18.02 -2.65 -13.74
N TRP A 55 18.61 -3.60 -13.02
CA TRP A 55 20.05 -3.75 -13.01
C TRP A 55 20.42 -5.12 -12.43
N TYR A 56 21.65 -5.55 -12.68
CA TYR A 56 22.12 -6.79 -12.09
C TYR A 56 23.60 -6.61 -11.74
N ILE A 57 24.07 -7.37 -10.73
CA ILE A 57 25.47 -7.39 -10.34
C ILE A 57 25.93 -8.84 -10.23
N PRO A 58 26.97 -9.27 -10.97
CA PRO A 58 27.56 -10.58 -10.69
C PRO A 58 28.12 -10.64 -9.28
N LEU A 59 27.90 -11.77 -8.59
CA LEU A 59 28.32 -11.82 -7.20
C LEU A 59 29.84 -11.66 -7.06
N THR A 60 30.60 -12.09 -8.06
CA THR A 60 32.04 -11.88 -7.99
C THR A 60 32.43 -10.40 -8.00
N ASP A 61 31.51 -9.51 -8.42
CA ASP A 61 31.73 -8.08 -8.44
C ASP A 61 30.97 -7.29 -7.36
N LEU A 62 30.44 -7.96 -6.33
CA LEU A 62 29.50 -7.35 -5.38
C LEU A 62 30.07 -7.37 -3.95
N SER A 63 29.78 -6.32 -3.17
CA SER A 63 30.10 -6.31 -1.74
C SER A 63 28.83 -5.88 -0.99
N PHE A 64 28.45 -6.65 0.05
CA PHE A 64 27.20 -6.46 0.78
C PHE A 64 27.50 -5.77 2.10
N GLN A 65 26.92 -4.59 2.31
CA GLN A 65 27.15 -3.77 3.50
C GLN A 65 25.86 -3.63 4.31
N MET A 66 25.94 -3.98 5.60
CA MET A 66 24.83 -3.66 6.51
C MET A 66 24.70 -2.15 6.69
N VAL A 67 23.47 -1.67 6.69
CA VAL A 67 23.17 -0.25 6.92
C VAL A 67 22.17 -0.16 8.08
N ASP A 68 22.53 0.62 9.09
CA ASP A 68 21.67 0.75 10.27
C ASP A 68 21.10 2.15 10.40
N GLU A 69 21.49 3.09 9.54
CA GLU A 69 20.76 4.35 9.36
C GLU A 69 20.60 4.64 7.87
N PRO A 70 19.40 4.41 7.30
CA PRO A 70 18.16 3.94 7.93
C PRO A 70 18.27 2.53 8.51
N SER A 71 17.36 2.19 9.40
CA SER A 71 17.47 0.89 10.05
C SER A 71 17.05 -0.21 9.10
N MET A 72 17.55 -1.41 9.39
CA MET A 72 17.14 -2.62 8.71
C MET A 72 17.26 -2.43 7.21
N ALA A 73 18.45 -2.00 6.82
CA ALA A 73 18.76 -1.69 5.44
C ALA A 73 20.11 -2.30 5.04
N PHE A 74 20.38 -2.35 3.73
CA PHE A 74 21.70 -2.78 3.28
C PHE A 74 22.02 -2.07 1.98
N ARG A 75 23.28 -2.13 1.62
CA ARG A 75 23.79 -1.49 0.41
C ARG A 75 24.65 -2.52 -0.31
N VAL A 76 24.42 -2.71 -1.60
CA VAL A 76 25.27 -3.57 -2.41
C VAL A 76 26.12 -2.68 -3.30
N HIS A 77 27.42 -2.89 -3.24
CA HIS A 77 28.41 -2.14 -3.99
C HIS A 77 28.88 -2.99 -5.15
N SER A 78 28.97 -2.39 -6.35
N SER A 78 28.96 -2.37 -6.34
CA SER A 78 29.46 -3.11 -7.52
CA SER A 78 29.47 -3.06 -7.51
C SER A 78 30.82 -2.59 -7.96
C SER A 78 30.90 -2.60 -7.83
N ARG A 79 31.65 -3.52 -8.43
CA ARG A 79 33.06 -3.24 -8.75
C ARG A 79 33.20 -2.02 -9.66
N ASN A 80 32.18 -1.75 -10.47
CA ASN A 80 32.21 -0.63 -11.40
C ASN A 80 32.05 0.71 -10.73
N GLY A 81 31.88 0.77 -9.41
CA GLY A 81 31.80 2.02 -8.67
C GLY A 81 30.42 2.35 -8.13
N LYS A 82 29.39 1.69 -8.60
CA LYS A 82 28.02 2.01 -8.26
C LYS A 82 27.62 1.29 -6.98
N SER A 83 26.57 1.80 -6.33
CA SER A 83 25.99 1.07 -5.19
C SER A 83 24.50 1.37 -5.14
N TYR A 84 23.79 0.53 -4.37
CA TYR A 84 22.34 0.54 -4.38
C TYR A 84 21.92 0.22 -2.97
N THR A 85 20.91 0.91 -2.46
CA THR A 85 20.53 0.82 -1.06
C THR A 85 19.08 0.35 -0.98
N PHE A 86 18.83 -0.60 -0.07
CA PHE A 86 17.53 -1.23 0.05
C PHE A 86 17.07 -1.22 1.50
N LEU A 87 15.77 -1.07 1.68
CA LEU A 87 15.12 -1.42 2.93
C LEU A 87 14.61 -2.86 2.82
N ILE A 88 14.77 -3.62 3.89
CA ILE A 88 14.33 -5.01 3.86
C ILE A 88 13.37 -5.22 5.05
N SER A 89 12.67 -6.35 5.04
CA SER A 89 11.53 -6.54 5.95
C SER A 89 11.91 -6.77 7.41
N SER A 90 13.11 -7.29 7.70
CA SER A 90 13.50 -7.59 9.05
C SER A 90 15.01 -7.79 9.13
N ASP A 91 15.53 -7.68 10.36
CA ASP A 91 16.95 -7.91 10.56
C ASP A 91 17.32 -9.36 10.24
N TYR A 92 16.40 -10.30 10.54
CA TYR A 92 16.71 -11.69 10.25
C TYR A 92 16.84 -11.94 8.75
N GLU A 93 15.91 -11.40 7.96
CA GLU A 93 15.99 -11.61 6.52
C GLU A 93 17.22 -10.91 5.96
N ARG A 94 17.57 -9.75 6.53
CA ARG A 94 18.79 -9.07 6.13
C ARG A 94 20.02 -9.95 6.34
N ALA A 95 20.09 -10.62 7.49
CA ALA A 95 21.20 -11.50 7.79
C ALA A 95 21.20 -12.72 6.89
N GLU A 96 20.03 -13.26 6.57
CA GLU A 96 19.98 -14.37 5.64
C GLU A 96 20.53 -13.97 4.27
N TRP A 97 20.16 -12.79 3.77
CA TRP A 97 20.66 -12.40 2.45
C TRP A 97 22.18 -12.29 2.46
N ARG A 98 22.73 -11.68 3.51
CA ARG A 98 24.19 -11.59 3.53
C ARG A 98 24.84 -12.97 3.57
N GLU A 99 24.33 -13.87 4.39
CA GLU A 99 24.96 -15.18 4.51
C GLU A 99 24.83 -15.98 3.22
N ASN A 100 23.66 -15.95 2.58
CA ASN A 100 23.50 -16.63 1.30
C ASN A 100 24.43 -16.08 0.24
N ILE A 101 24.58 -14.75 0.19
CA ILE A 101 25.50 -14.15 -0.77
C ILE A 101 26.93 -14.59 -0.49
N ARG A 102 27.35 -14.56 0.78
CA ARG A 102 28.70 -14.96 1.14
C ARG A 102 28.95 -16.40 0.75
N GLU A 103 27.97 -17.28 1.03
CA GLU A 103 28.13 -18.68 0.68
C GLU A 103 28.36 -18.85 -0.81
N GLN A 104 27.62 -18.09 -1.65
CA GLN A 104 27.79 -18.21 -3.09
C GLN A 104 29.07 -17.54 -3.56
N GLN A 105 29.52 -16.48 -2.88
CA GLN A 105 30.71 -15.80 -3.34
C GLN A 105 31.93 -16.69 -3.25
N LYS A 106 31.94 -17.63 -2.32
CA LYS A 106 33.04 -18.59 -2.25
C LYS A 106 33.10 -19.49 -3.47
N LYS A 107 32.08 -19.50 -4.33
CA LYS A 107 32.05 -20.35 -5.52
C LYS A 107 32.09 -19.57 -6.83
N CYS A 108 32.23 -18.24 -6.79
CA CYS A 108 32.10 -17.37 -7.95
C CYS A 108 33.43 -16.67 -8.21
N PHE A 109 33.97 -16.82 -9.43
CA PHE A 109 35.31 -16.28 -9.70
C PHE A 109 35.42 -15.46 -10.98
N ARG A 110 34.56 -15.72 -11.98
CA ARG A 110 34.66 -15.03 -13.26
C ARG A 110 33.42 -14.16 -13.47
N SER A 111 33.65 -12.91 -13.87
CA SER A 111 32.58 -11.98 -14.17
C SER A 111 32.04 -12.26 -15.57
N PHE A 112 30.95 -11.58 -15.92
CA PHE A 112 30.24 -11.86 -17.16
C PHE A 112 29.22 -10.77 -17.35
N SER A 113 28.66 -10.72 -18.57
N SER A 113 28.67 -10.72 -18.56
CA SER A 113 27.57 -9.84 -18.90
CA SER A 113 27.55 -9.85 -18.86
C SER A 113 26.47 -10.65 -19.56
C SER A 113 26.44 -10.71 -19.46
N LEU A 114 25.23 -10.18 -19.41
CA LEU A 114 24.06 -10.85 -19.95
C LEU A 114 23.35 -9.89 -20.90
N THR A 115 22.78 -10.44 -21.99
CA THR A 115 21.97 -9.61 -22.88
C THR A 115 20.63 -9.31 -22.25
N SER A 116 19.92 -8.35 -22.83
CA SER A 116 18.59 -8.03 -22.33
C SER A 116 17.67 -9.25 -22.42
N VAL A 117 17.82 -10.08 -23.46
CA VAL A 117 16.98 -11.27 -23.61
C VAL A 117 17.31 -12.30 -22.53
N GLU A 118 18.60 -12.53 -22.25
CA GLU A 118 18.97 -13.43 -21.17
C GLU A 118 18.46 -12.91 -19.82
N LEU A 119 18.59 -11.61 -19.58
CA LEU A 119 18.10 -11.06 -18.32
C LEU A 119 16.61 -11.24 -18.16
N GLN A 120 15.85 -10.95 -19.21
CA GLN A 120 14.40 -11.08 -19.14
C GLN A 120 14.00 -12.54 -18.95
N MET A 121 14.73 -13.47 -19.57
CA MET A 121 14.41 -14.88 -19.41
C MET A 121 14.67 -15.35 -17.99
N LEU A 122 15.68 -14.80 -17.32
CA LEU A 122 15.88 -15.13 -15.91
C LEU A 122 14.62 -14.87 -15.10
N THR A 123 14.02 -13.70 -15.29
CA THR A 123 12.79 -13.33 -14.63
C THR A 123 11.71 -14.35 -14.91
N ASN A 124 11.33 -14.44 -16.18
CA ASN A 124 10.17 -15.24 -16.55
C ASN A 124 10.31 -16.70 -16.13
N SER A 125 11.55 -17.18 -15.97
CA SER A 125 11.75 -18.54 -15.47
C SER A 125 11.07 -18.71 -14.12
N CYS A 126 11.19 -17.70 -13.26
CA CYS A 126 10.52 -17.69 -11.96
C CYS A 126 9.02 -17.45 -12.13
N ARG B 7 -20.71 2.61 -2.24
CA ARG B 7 -19.31 2.74 -1.83
C ARG B 7 -18.39 2.45 -3.00
N GLN B 8 -17.55 3.42 -3.35
CA GLN B 8 -16.67 3.31 -4.51
C GLN B 8 -15.20 3.36 -4.08
N LEU B 9 -14.34 2.81 -4.93
CA LEU B 9 -12.91 2.78 -4.72
C LEU B 9 -12.29 3.96 -5.44
N LEU B 10 -11.56 4.80 -4.71
CA LEU B 10 -11.01 6.03 -5.27
C LEU B 10 -9.52 6.00 -5.56
N LYS B 11 -8.73 5.22 -4.81
CA LYS B 11 -7.29 5.23 -4.96
C LYS B 11 -6.78 3.97 -4.28
N ASP B 12 -5.75 3.36 -4.84
CA ASP B 12 -5.18 2.21 -4.16
C ASP B 12 -3.72 2.13 -4.55
N SER B 13 -2.92 1.66 -3.61
CA SER B 13 -1.49 1.57 -3.87
C SER B 13 -0.87 0.54 -2.96
N PHE B 14 0.23 -0.04 -3.42
CA PHE B 14 1.12 -0.72 -2.49
C PHE B 14 1.84 0.29 -1.62
N MET B 15 2.03 -0.05 -0.35
CA MET B 15 2.74 0.82 0.55
C MET B 15 3.46 -0.08 1.54
N VAL B 16 4.43 0.47 2.22
CA VAL B 16 5.18 -0.29 3.21
C VAL B 16 4.77 0.22 4.58
N GLU B 17 4.18 -0.66 5.40
CA GLU B 17 3.84 -0.28 6.76
C GLU B 17 5.02 -0.54 7.68
N LEU B 18 5.29 0.42 8.54
CA LEU B 18 6.32 0.31 9.57
C LEU B 18 5.66 -0.21 10.85
N VAL B 19 6.12 -1.37 11.30
CA VAL B 19 5.54 -2.04 12.48
C VAL B 19 6.68 -2.32 13.45
N GLU B 20 6.33 -2.89 14.60
CA GLU B 20 7.34 -3.19 15.61
C GLU B 20 8.41 -4.15 15.09
N GLY B 21 9.64 -3.67 14.84
CA GLY B 21 10.73 -4.54 14.42
C GLY B 21 10.67 -5.11 13.02
N ALA B 22 9.86 -4.52 12.13
CA ALA B 22 9.73 -5.10 10.81
C ALA B 22 9.10 -4.06 9.87
N ARG B 23 9.17 -4.37 8.59
CA ARG B 23 8.42 -3.66 7.57
C ARG B 23 7.56 -4.64 6.80
N LYS B 24 6.35 -4.22 6.49
CA LYS B 24 5.38 -5.08 5.85
C LYS B 24 4.87 -4.42 4.58
N LEU B 25 4.77 -5.20 3.51
CA LEU B 25 4.16 -4.76 2.26
C LEU B 25 2.65 -4.90 2.39
N ARG B 26 1.93 -3.80 2.22
CA ARG B 26 0.48 -3.76 2.28
C ARG B 26 -0.09 -3.24 0.97
N HIS B 27 -1.35 -3.55 0.74
CA HIS B 27 -2.10 -2.93 -0.34
C HIS B 27 -3.15 -2.07 0.32
N VAL B 28 -3.08 -0.77 0.09
CA VAL B 28 -3.92 0.19 0.78
C VAL B 28 -4.96 0.74 -0.19
N PHE B 29 -6.18 0.89 0.30
CA PHE B 29 -7.32 1.26 -0.52
C PHE B 29 -8.06 2.41 0.14
N LEU B 30 -8.26 3.48 -0.61
CA LEU B 30 -9.10 4.61 -0.22
C LEU B 30 -10.45 4.41 -0.90
N PHE B 31 -11.46 4.11 -0.10
CA PHE B 31 -12.85 4.09 -0.56
C PHE B 31 -13.51 5.41 -0.18
N THR B 32 -14.75 5.59 -0.60
CA THR B 32 -15.43 6.86 -0.41
C THR B 32 -15.64 7.18 1.07
N ASP B 33 -15.75 6.16 1.91
CA ASP B 33 -16.02 6.37 3.33
C ASP B 33 -14.97 5.77 4.27
N LEU B 34 -13.89 5.18 3.75
CA LEU B 34 -12.97 4.53 4.67
C LEU B 34 -11.64 4.25 3.96
N LEU B 35 -10.63 4.06 4.81
CA LEU B 35 -9.28 3.68 4.41
C LEU B 35 -9.05 2.24 4.87
N LEU B 36 -8.65 1.39 3.94
CA LEU B 36 -8.47 -0.02 4.21
C LEU B 36 -7.04 -0.45 3.97
N CYS B 37 -6.51 -1.23 4.90
CA CYS B 37 -5.18 -1.79 4.81
C CYS B 37 -5.32 -3.29 4.69
N THR B 38 -4.76 -3.85 3.63
CA THR B 38 -4.78 -5.30 3.41
C THR B 38 -3.37 -5.86 3.25
N LYS B 39 -3.27 -7.16 3.55
CA LYS B 39 -2.12 -8.00 3.21
C LYS B 39 -2.51 -8.91 2.05
N LEU B 40 -1.50 -9.39 1.35
CA LEU B 40 -1.72 -10.26 0.21
C LEU B 40 -1.41 -11.72 0.56
N GLN B 50 -6.23 -13.39 -3.31
CA GLN B 50 -6.95 -13.30 -2.05
C GLN B 50 -6.36 -12.20 -1.18
N TYR B 51 -7.25 -11.41 -0.55
CA TYR B 51 -6.87 -10.32 0.33
C TYR B 51 -7.40 -10.58 1.74
N ASP B 52 -6.66 -10.10 2.73
CA ASP B 52 -7.11 -10.12 4.11
C ASP B 52 -6.97 -8.72 4.69
N CYS B 53 -8.03 -8.26 5.35
CA CYS B 53 -8.01 -6.95 5.99
C CYS B 53 -7.15 -7.01 7.23
N LYS B 54 -6.17 -6.11 7.32
CA LYS B 54 -5.40 -5.92 8.54
C LYS B 54 -6.14 -4.94 9.43
N TRP B 55 -6.62 -3.85 8.86
CA TRP B 55 -7.36 -2.88 9.64
C TRP B 55 -8.05 -1.92 8.68
N TYR B 56 -8.98 -1.16 9.24
CA TYR B 56 -9.62 -0.12 8.46
C TYR B 56 -9.94 1.03 9.39
N ILE B 57 -10.10 2.22 8.80
CA ILE B 57 -10.49 3.43 9.54
C ILE B 57 -11.56 4.15 8.73
N PRO B 58 -12.77 4.41 9.27
CA PRO B 58 -13.67 5.32 8.58
C PRO B 58 -13.01 6.70 8.42
N LEU B 59 -13.24 7.35 7.27
CA LEU B 59 -12.61 8.64 7.03
C LEU B 59 -13.01 9.67 8.07
N THR B 60 -14.26 9.62 8.54
CA THR B 60 -14.67 10.56 9.57
C THR B 60 -13.98 10.33 10.91
N ASP B 61 -13.23 9.23 11.07
CA ASP B 61 -12.49 8.92 12.28
C ASP B 61 -10.97 9.00 12.08
N LEU B 62 -10.52 9.56 10.97
CA LEU B 62 -9.12 9.53 10.55
C LEU B 62 -8.51 10.92 10.50
N SER B 63 -7.21 10.99 10.84
CA SER B 63 -6.40 12.21 10.67
C SER B 63 -5.07 11.82 10.03
N PHE B 64 -4.72 12.49 8.92
CA PHE B 64 -3.57 12.18 8.08
C PHE B 64 -2.45 13.15 8.45
N GLN B 65 -1.31 12.62 8.89
CA GLN B 65 -0.15 13.43 9.29
C GLN B 65 1.04 13.15 8.37
N MET B 66 1.62 14.21 7.83
CA MET B 66 2.90 14.09 7.12
C MET B 66 4.02 13.78 8.10
N VAL B 67 4.89 12.83 7.72
CA VAL B 67 6.05 12.43 8.52
C VAL B 67 7.29 12.61 7.65
N ASP B 68 8.24 13.39 8.14
CA ASP B 68 9.44 13.65 7.37
C ASP B 68 10.66 13.00 8.02
N GLU B 69 10.50 12.36 9.17
CA GLU B 69 11.50 11.46 9.74
C GLU B 69 10.83 10.15 10.19
N PRO B 70 10.98 9.05 9.44
CA PRO B 70 11.69 8.88 8.18
C PRO B 70 11.09 9.76 7.11
N SER B 71 11.84 9.95 6.03
CA SER B 71 11.40 10.80 4.94
C SER B 71 10.26 10.14 4.17
N MET B 72 9.46 10.96 3.46
N MET B 72 9.47 11.00 3.51
CA MET B 72 8.45 10.47 2.54
CA MET B 72 8.41 10.60 2.59
C MET B 72 7.52 9.47 3.22
C MET B 72 7.55 9.51 3.23
N ALA B 73 7.11 9.80 4.44
CA ALA B 73 6.28 8.88 5.23
C ALA B 73 5.01 9.61 5.65
N PHE B 74 4.02 8.84 6.10
CA PHE B 74 2.87 9.51 6.67
C PHE B 74 2.34 8.60 7.78
N ARG B 75 1.50 9.18 8.60
CA ARG B 75 0.91 8.47 9.73
C ARG B 75 -0.59 8.74 9.71
N VAL B 76 -1.40 7.70 9.81
CA VAL B 76 -2.84 7.88 9.93
C VAL B 76 -3.22 7.56 11.36
N HIS B 77 -3.94 8.48 11.97
CA HIS B 77 -4.41 8.37 13.34
C HIS B 77 -5.88 8.07 13.32
N SER B 78 -6.31 7.15 14.17
N SER B 78 -6.30 7.14 14.18
CA SER B 78 -7.71 6.81 14.25
CA SER B 78 -7.70 6.77 14.30
C SER B 78 -8.30 7.27 15.58
C SER B 78 -8.28 7.34 15.59
N ARG B 79 -9.56 7.69 15.54
CA ARG B 79 -10.24 8.23 16.71
C ARG B 79 -10.12 7.32 17.92
N ASN B 80 -10.01 6.02 17.71
CA ASN B 80 -9.87 5.08 18.83
C ASN B 80 -8.51 5.09 19.50
N GLY B 81 -7.57 5.93 19.07
CA GLY B 81 -6.28 6.06 19.71
C GLY B 81 -5.14 5.32 19.04
N LYS B 82 -5.42 4.54 18.01
CA LYS B 82 -4.34 3.85 17.31
C LYS B 82 -3.78 4.75 16.22
N SER B 83 -2.58 4.41 15.76
CA SER B 83 -2.01 5.09 14.59
C SER B 83 -1.12 4.13 13.83
N TYR B 84 -0.94 4.40 12.52
CA TYR B 84 -0.24 3.47 11.66
C TYR B 84 0.63 4.31 10.74
N THR B 85 1.84 3.83 10.51
CA THR B 85 2.81 4.62 9.75
C THR B 85 3.23 3.90 8.48
N PHE B 86 3.31 4.66 7.36
CA PHE B 86 3.64 4.07 6.08
C PHE B 86 4.76 4.87 5.40
N LEU B 87 5.58 4.14 4.68
CA LEU B 87 6.46 4.72 3.66
C LEU B 87 5.68 4.74 2.36
N ILE B 88 5.84 5.85 1.61
CA ILE B 88 5.22 5.96 0.31
C ILE B 88 6.33 6.31 -0.71
N SER B 89 5.99 6.16 -1.99
CA SER B 89 6.94 6.19 -3.11
C SER B 89 7.55 7.57 -3.36
N SER B 90 6.82 8.65 -3.08
CA SER B 90 7.29 10.01 -3.41
C SER B 90 6.53 11.05 -2.59
N ASP B 91 7.12 12.24 -2.46
CA ASP B 91 6.41 13.35 -1.83
C ASP B 91 5.14 13.70 -2.58
N TYR B 92 5.18 13.60 -3.93
CA TYR B 92 3.99 13.92 -4.72
C TYR B 92 2.85 12.95 -4.42
N GLU B 93 3.14 11.65 -4.41
CA GLU B 93 2.07 10.69 -4.13
C GLU B 93 1.55 10.89 -2.72
N ARG B 94 2.45 11.22 -1.78
CA ARG B 94 2.01 11.44 -0.41
C ARG B 94 1.03 12.60 -0.33
N ALA B 95 1.35 13.70 -1.06
CA ALA B 95 0.45 14.84 -1.10
C ALA B 95 -0.86 14.48 -1.78
N GLU B 96 -0.82 13.66 -2.83
CA GLU B 96 -2.06 13.22 -3.48
C GLU B 96 -2.93 12.46 -2.48
N TRP B 97 -2.34 11.57 -1.72
CA TRP B 97 -3.17 10.81 -0.78
C TRP B 97 -3.79 11.74 0.24
N ARG B 98 -3.05 12.71 0.75
CA ARG B 98 -3.65 13.60 1.73
C ARG B 98 -4.81 14.40 1.10
N GLU B 99 -4.61 14.89 -0.12
CA GLU B 99 -5.64 15.74 -0.73
C GLU B 99 -6.91 14.95 -1.02
N ASN B 100 -6.75 13.74 -1.55
CA ASN B 100 -7.91 12.90 -1.84
C ASN B 100 -8.67 12.56 -0.56
N ILE B 101 -7.94 12.26 0.51
CA ILE B 101 -8.60 11.95 1.77
C ILE B 101 -9.35 13.16 2.31
N ARG B 102 -8.72 14.35 2.24
CA ARG B 102 -9.37 15.58 2.68
C ARG B 102 -10.65 15.84 1.87
N GLU B 103 -10.56 15.67 0.55
CA GLU B 103 -11.72 15.95 -0.29
C GLU B 103 -12.88 15.06 0.13
N GLN B 104 -12.60 13.79 0.41
CA GLN B 104 -13.66 12.88 0.81
C GLN B 104 -14.12 13.10 2.23
N GLN B 105 -13.23 13.55 3.12
CA GLN B 105 -13.64 13.78 4.50
C GLN B 105 -14.70 14.86 4.59
N LYS B 106 -14.63 15.86 3.72
CA LYS B 106 -15.68 16.86 3.66
C LYS B 106 -17.07 16.27 3.36
N LYS B 107 -17.13 15.03 2.83
CA LYS B 107 -18.39 14.40 2.47
C LYS B 107 -18.79 13.25 3.41
N CYS B 108 -18.06 13.04 4.50
CA CYS B 108 -18.32 11.98 5.45
C CYS B 108 -18.67 12.59 6.79
N PHE B 109 -19.78 12.13 7.39
CA PHE B 109 -20.28 12.70 8.63
C PHE B 109 -20.49 11.70 9.76
N ARG B 110 -20.65 10.42 9.47
CA ARG B 110 -21.12 9.46 10.44
C ARG B 110 -20.10 8.33 10.60
N SER B 111 -19.67 8.08 11.83
CA SER B 111 -18.81 6.96 12.15
C SER B 111 -19.59 5.66 12.16
N PHE B 112 -18.90 4.56 11.84
CA PHE B 112 -19.56 3.27 11.74
C PHE B 112 -18.56 2.17 12.04
N SER B 113 -19.09 0.95 12.13
CA SER B 113 -18.30 -0.25 12.34
C SER B 113 -18.84 -1.32 11.42
N LEU B 114 -17.96 -2.05 10.75
CA LEU B 114 -18.37 -3.06 9.77
C LEU B 114 -18.53 -4.41 10.45
N THR B 115 -19.57 -5.13 10.05
CA THR B 115 -19.76 -6.49 10.54
C THR B 115 -18.81 -7.44 9.82
N SER B 116 -18.60 -8.61 10.44
CA SER B 116 -17.67 -9.59 9.88
C SER B 116 -17.95 -9.85 8.41
N VAL B 117 -19.22 -10.02 8.06
CA VAL B 117 -19.57 -10.30 6.66
C VAL B 117 -19.37 -9.05 5.80
N GLU B 118 -19.75 -7.88 6.31
CA GLU B 118 -19.50 -6.65 5.58
C GLU B 118 -18.03 -6.51 5.22
N LEU B 119 -17.14 -6.83 6.17
CA LEU B 119 -15.71 -6.79 5.89
C LEU B 119 -15.34 -7.81 4.82
N GLN B 120 -15.89 -9.03 4.92
CA GLN B 120 -15.68 -10.04 3.90
C GLN B 120 -16.06 -9.52 2.53
N MET B 121 -17.30 -9.03 2.41
CA MET B 121 -17.75 -8.46 1.15
C MET B 121 -16.83 -7.32 0.73
N LEU B 122 -16.45 -6.46 1.68
CA LEU B 122 -15.52 -5.39 1.35
C LEU B 122 -14.20 -5.95 0.81
N THR B 123 -13.61 -6.91 1.52
CA THR B 123 -12.36 -7.49 1.05
C THR B 123 -12.56 -8.24 -0.26
N ASN B 124 -13.69 -8.95 -0.42
CA ASN B 124 -13.99 -9.58 -1.70
C ASN B 124 -13.90 -8.56 -2.84
N SER B 125 -14.58 -7.43 -2.70
CA SER B 125 -14.57 -6.42 -3.74
C SER B 125 -13.15 -6.07 -4.18
N CYS B 126 -12.18 -6.18 -3.27
CA CYS B 126 -10.80 -5.89 -3.60
C CYS B 126 -10.21 -6.96 -4.51
N GLY C 1 -20.02 24.35 12.01
CA GLY C 1 -19.58 24.05 13.40
C GLY C 1 -19.99 25.14 14.37
N SER C 2 -20.12 24.77 15.65
CA SER C 2 -20.58 25.67 16.69
C SER C 2 -19.45 26.41 17.38
N VAL C 3 -18.19 25.98 17.24
CA VAL C 3 -17.05 26.78 17.67
C VAL C 3 -16.04 26.82 16.53
N SER C 4 -15.15 27.81 16.60
CA SER C 4 -14.14 27.98 15.57
C SER C 4 -13.15 26.83 15.60
N SER C 5 -12.77 26.37 14.41
CA SER C 5 -11.77 25.32 14.30
C SER C 5 -10.38 25.89 14.21
N VAL C 6 -10.28 27.21 14.26
CA VAL C 6 -9.05 27.94 13.93
C VAL C 6 -8.36 28.45 15.19
N PRO C 7 -7.03 28.36 15.27
CA PRO C 7 -6.34 28.98 16.41
C PRO C 7 -6.45 30.49 16.32
N THR C 8 -6.13 31.14 17.44
CA THR C 8 -6.14 32.59 17.54
C THR C 8 -4.79 33.09 18.02
N LYS C 9 -4.57 34.39 17.84
CA LYS C 9 -3.45 35.09 18.48
C LYS C 9 -2.12 34.47 18.08
N LEU C 10 -1.97 34.20 16.79
CA LEU C 10 -0.68 33.74 16.28
C LEU C 10 0.30 34.90 16.29
N GLU C 11 1.47 34.68 16.87
CA GLU C 11 2.43 35.77 16.97
C GLU C 11 3.83 35.22 17.12
N VAL C 12 4.80 36.01 16.68
CA VAL C 12 6.20 35.75 16.94
C VAL C 12 6.53 36.32 18.31
N VAL C 13 7.00 35.45 19.22
CA VAL C 13 7.27 35.88 20.59
C VAL C 13 8.74 36.15 20.81
N ALA C 14 9.61 35.59 19.98
CA ALA C 14 11.03 35.84 20.03
C ALA C 14 11.60 35.56 18.65
N ALA C 15 12.66 36.27 18.30
CA ALA C 15 13.24 36.14 16.98
C ALA C 15 14.73 36.43 17.01
N THR C 16 15.47 35.69 16.21
CA THR C 16 16.84 36.00 15.82
C THR C 16 16.83 36.26 14.33
N PRO C 17 17.96 36.61 13.71
CA PRO C 17 17.92 36.85 12.27
C PRO C 17 17.59 35.61 11.46
N THR C 18 17.75 34.41 12.03
CA THR C 18 17.48 33.19 11.27
C THR C 18 16.48 32.24 11.93
N SER C 19 15.83 32.64 13.01
N SER C 19 15.84 32.64 13.02
CA SER C 19 14.92 31.73 13.67
CA SER C 19 15.00 31.74 13.79
C SER C 19 13.84 32.53 14.38
C SER C 19 13.86 32.51 14.45
N LEU C 20 12.68 31.89 14.50
CA LEU C 20 11.49 32.49 15.07
C LEU C 20 10.88 31.52 16.08
N LEU C 21 10.37 32.06 17.17
CA LEU C 21 9.57 31.28 18.09
C LEU C 21 8.15 31.81 17.99
N ILE C 22 7.23 30.96 17.61
CA ILE C 22 5.84 31.37 17.42
C ILE C 22 5.00 30.72 18.47
N SER C 23 3.89 31.38 18.78
CA SER C 23 2.93 30.92 19.75
C SER C 23 1.53 31.22 19.24
N TRP C 24 0.60 30.39 19.66
CA TRP C 24 -0.78 30.62 19.28
C TRP C 24 -1.64 30.09 20.41
N ASP C 25 -2.89 30.57 20.44
CA ASP C 25 -3.87 30.07 21.38
C ASP C 25 -4.69 28.96 20.72
N ALA C 26 -4.79 27.84 21.42
CA ALA C 26 -5.47 26.67 20.87
C ALA C 26 -6.94 26.97 20.65
N PRO C 27 -7.58 26.31 19.67
CA PRO C 27 -9.03 26.45 19.52
C PRO C 27 -9.73 25.81 20.71
N ALA C 28 -11.05 25.92 20.80
CA ALA C 28 -11.79 25.39 21.94
C ALA C 28 -11.80 23.87 22.02
N VAL C 29 -11.47 23.19 20.94
CA VAL C 29 -11.64 21.76 20.78
C VAL C 29 -10.26 21.11 20.79
N THR C 30 -10.18 19.93 21.37
CA THR C 30 -8.93 19.18 21.41
C THR C 30 -8.46 18.89 19.99
N VAL C 31 -7.18 19.15 19.77
CA VAL C 31 -6.55 19.04 18.47
C VAL C 31 -5.67 17.81 18.46
N VAL C 32 -5.71 17.05 17.36
CA VAL C 32 -4.84 15.90 17.25
C VAL C 32 -3.40 16.35 17.09
N PHE C 33 -3.17 17.26 16.14
CA PHE C 33 -1.87 17.89 15.97
C PHE C 33 -2.07 19.16 15.15
N TYR C 34 -1.07 20.02 15.20
CA TYR C 34 -1.06 21.22 14.38
C TYR C 34 -0.08 21.07 13.22
N VAL C 35 -0.41 21.73 12.10
CA VAL C 35 0.51 21.93 10.99
C VAL C 35 0.94 23.38 11.02
N ILE C 36 2.26 23.58 10.90
CA ILE C 36 2.88 24.89 10.76
C ILE C 36 3.46 24.96 9.36
N THR C 37 3.13 26.01 8.62
CA THR C 37 3.75 26.23 7.34
C THR C 37 4.49 27.57 7.32
N TYR C 38 5.58 27.61 6.56
CA TYR C 38 6.30 28.87 6.38
C TYR C 38 6.96 28.92 5.03
N GLY C 39 6.99 30.12 4.46
CA GLY C 39 7.70 30.35 3.21
C GLY C 39 7.85 31.83 2.96
N GLU C 40 8.75 32.14 2.03
CA GLU C 40 9.01 33.54 1.67
C GLU C 40 7.75 34.19 1.11
N THR C 41 7.41 35.35 1.65
CA THR C 41 6.25 36.11 1.21
C THR C 41 6.43 36.53 -0.24
N GLY C 42 5.49 36.15 -1.10
CA GLY C 42 5.58 36.54 -2.50
C GLY C 42 6.71 35.86 -3.24
N GLY C 43 7.85 35.66 -2.58
CA GLY C 43 8.86 34.77 -3.11
C GLY C 43 8.18 33.48 -3.51
N ASN C 44 8.46 33.00 -4.72
CA ASN C 44 7.92 31.74 -5.19
C ASN C 44 8.79 30.58 -4.75
N SER C 45 9.30 30.70 -3.53
CA SER C 45 10.14 29.71 -2.89
C SER C 45 9.28 28.54 -2.40
N PRO C 46 9.89 27.37 -2.19
CA PRO C 46 9.12 26.25 -1.65
C PRO C 46 8.61 26.56 -0.24
N VAL C 47 7.31 26.39 -0.05
CA VAL C 47 6.73 26.44 1.30
C VAL C 47 7.07 25.15 2.02
N GLN C 48 7.40 25.26 3.29
CA GLN C 48 7.76 24.10 4.08
C GLN C 48 6.76 23.94 5.21
N GLU C 49 6.57 22.70 5.64
CA GLU C 49 5.63 22.46 6.73
C GLU C 49 6.18 21.39 7.67
N PHE C 50 5.73 21.46 8.91
CA PHE C 50 6.01 20.48 9.94
C PHE C 50 4.84 20.44 10.90
N THR C 51 4.84 19.49 11.83
CA THR C 51 3.77 19.38 12.81
C THR C 51 4.29 19.54 14.22
N VAL C 52 3.38 19.88 15.13
CA VAL C 52 3.59 19.70 16.57
C VAL C 52 2.34 19.06 17.16
N PRO C 53 2.46 18.28 18.24
CA PRO C 53 1.27 17.66 18.84
C PRO C 53 0.29 18.69 19.35
N GLY C 54 -0.97 18.26 19.43
CA GLY C 54 -2.04 19.11 19.89
C GLY C 54 -1.88 19.55 21.31
N SER C 55 -1.00 18.91 22.06
CA SER C 55 -0.71 19.36 23.41
C SER C 55 0.21 20.58 23.45
N LYS C 56 0.89 20.88 22.34
CA LYS C 56 1.80 22.02 22.26
C LYS C 56 1.13 23.18 21.54
N SER C 57 1.50 24.42 21.94
CA SER C 57 0.95 25.62 21.33
C SER C 57 2.05 26.62 20.98
N THR C 58 3.27 26.12 20.82
CA THR C 58 4.39 26.93 20.38
C THR C 58 5.23 26.08 19.46
N ALA C 59 6.05 26.75 18.67
CA ALA C 59 6.94 26.07 17.78
C ALA C 59 8.12 26.99 17.48
N THR C 60 9.27 26.38 17.19
CA THR C 60 10.44 27.11 16.71
C THR C 60 10.67 26.82 15.24
N ILE C 61 10.91 27.86 14.46
CA ILE C 61 11.22 27.77 13.04
C ILE C 61 12.65 28.25 12.89
N SER C 62 13.49 27.45 12.24
CA SER C 62 14.91 27.75 12.14
C SER C 62 15.35 27.65 10.68
N GLY C 63 16.59 28.07 10.43
CA GLY C 63 17.15 27.98 9.10
C GLY C 63 16.66 29.02 8.15
N LEU C 64 16.15 30.14 8.66
CA LEU C 64 15.61 31.21 7.82
C LEU C 64 16.69 32.14 7.34
N LYS C 65 16.35 32.91 6.32
CA LYS C 65 17.25 33.91 5.77
C LYS C 65 17.03 35.26 6.45
N PRO C 66 18.07 35.95 6.87
CA PRO C 66 17.87 37.24 7.54
C PRO C 66 17.34 38.31 6.58
N GLY C 67 16.51 39.19 7.12
CA GLY C 67 16.01 40.32 6.37
C GLY C 67 15.00 39.96 5.31
N VAL C 68 14.38 38.80 5.42
CA VAL C 68 13.45 38.27 4.42
C VAL C 68 12.06 38.23 5.03
N ASP C 69 11.06 38.63 4.23
N ASP C 69 11.05 38.59 4.24
CA ASP C 69 9.67 38.49 4.62
CA ASP C 69 9.67 38.51 4.72
C ASP C 69 9.27 37.02 4.58
C ASP C 69 9.18 37.09 4.55
N TYR C 70 8.56 36.57 5.61
CA TYR C 70 8.06 35.20 5.66
C TYR C 70 6.59 35.26 6.00
N THR C 71 5.81 34.37 5.39
CA THR C 71 4.42 34.14 5.77
C THR C 71 4.35 32.81 6.51
N ILE C 72 3.76 32.83 7.68
CA ILE C 72 3.72 31.70 8.58
C ILE C 72 2.26 31.40 8.81
N THR C 73 1.87 30.12 8.68
CA THR C 73 0.49 29.75 8.98
C THR C 73 0.46 28.54 9.88
N VAL C 74 -0.60 28.47 10.65
CA VAL C 74 -0.87 27.36 11.55
C VAL C 74 -2.31 26.93 11.34
N TYR C 75 -2.52 25.62 11.27
CA TYR C 75 -3.88 25.14 11.35
C TYR C 75 -3.90 23.84 12.11
N ALA C 76 -5.07 23.51 12.60
CA ALA C 76 -5.34 22.35 13.42
C ALA C 76 -5.84 21.19 12.57
N GLU C 77 -5.41 19.98 12.94
CA GLU C 77 -5.90 18.74 12.33
C GLU C 77 -6.69 17.95 13.37
N TYR C 78 -7.82 17.41 12.92
CA TYR C 78 -8.76 16.73 13.78
C TYR C 78 -9.13 15.38 13.17
N TYR C 79 -9.67 14.47 13.97
CA TYR C 79 -10.25 13.28 13.36
C TYR C 79 -11.40 13.72 12.46
N GLY C 80 -11.25 13.43 11.18
CA GLY C 80 -12.32 13.65 10.26
C GLY C 80 -12.36 14.99 9.59
N MET C 81 -11.53 15.95 10.00
N MET C 81 -11.48 15.92 9.97
CA MET C 81 -11.60 17.25 9.38
CA MET C 81 -11.62 17.29 9.50
C MET C 81 -10.30 17.99 9.57
C MET C 81 -10.29 18.00 9.60
N THR C 82 -10.09 18.98 8.71
CA THR C 82 -8.91 19.85 8.73
C THR C 82 -9.36 21.29 8.97
N GLY C 83 -8.75 21.95 9.95
CA GLY C 83 -9.15 23.31 10.27
C GLY C 83 -8.61 24.31 9.29
N SER C 84 -9.22 25.49 9.28
N SER C 84 -9.23 25.48 9.26
CA SER C 84 -8.75 26.55 8.42
CA SER C 84 -8.73 26.51 8.39
C SER C 84 -7.58 27.27 9.10
C SER C 84 -7.57 27.25 9.08
N PRO C 85 -6.72 27.91 8.32
CA PRO C 85 -5.48 28.45 8.87
C PRO C 85 -5.60 29.88 9.36
N ILE C 86 -4.70 30.22 10.26
CA ILE C 86 -4.41 31.60 10.64
C ILE C 86 -2.98 31.88 10.20
N SER C 87 -2.75 33.13 9.74
CA SER C 87 -1.53 33.50 9.03
C SER C 87 -1.02 34.83 9.56
N ILE C 88 0.31 34.98 9.56
CA ILE C 88 0.97 36.25 9.85
C ILE C 88 2.14 36.40 8.89
N ASN C 89 2.58 37.64 8.66
CA ASN C 89 3.84 37.90 8.00
C ASN C 89 4.83 38.40 9.03
N TYR C 90 6.10 38.07 8.83
CA TYR C 90 7.16 38.54 9.71
C TYR C 90 8.44 38.66 8.92
N ARG C 91 9.18 39.79 9.04
CA ARG C 91 10.45 39.95 8.36
C ARG C 91 11.59 39.70 9.34
N THR C 92 12.49 38.79 8.98
CA THR C 92 13.62 38.43 9.82
C THR C 92 14.61 39.57 9.88
N SER D 4 -11.86 -34.17 -21.90
CA SER D 4 -12.45 -33.96 -23.21
C SER D 4 -13.79 -33.24 -23.08
N SER D 5 -13.85 -31.99 -23.57
CA SER D 5 -15.08 -31.22 -23.62
C SER D 5 -15.55 -30.76 -22.24
N VAL D 6 -14.75 -31.00 -21.21
CA VAL D 6 -15.13 -30.76 -19.81
C VAL D 6 -14.42 -29.48 -19.35
N PRO D 7 -15.14 -28.53 -18.74
CA PRO D 7 -14.44 -27.40 -18.13
C PRO D 7 -13.45 -27.89 -17.09
N THR D 8 -12.43 -27.08 -16.81
CA THR D 8 -11.43 -27.40 -15.80
C THR D 8 -11.36 -26.27 -14.78
N LYS D 9 -10.67 -26.53 -13.67
CA LYS D 9 -10.36 -25.48 -12.71
C LYS D 9 -11.64 -24.89 -12.12
N LEU D 10 -12.65 -25.74 -11.91
CA LEU D 10 -13.84 -25.24 -11.22
C LEU D 10 -13.48 -24.90 -9.78
N GLU D 11 -13.61 -23.64 -9.42
CA GLU D 11 -13.33 -23.26 -8.04
C GLU D 11 -14.20 -22.09 -7.60
N VAL D 12 -14.45 -22.02 -6.30
CA VAL D 12 -15.04 -20.85 -5.68
C VAL D 12 -13.95 -19.78 -5.54
N VAL D 13 -14.21 -18.60 -6.09
CA VAL D 13 -13.21 -17.53 -6.08
C VAL D 13 -13.60 -16.37 -5.17
N ALA D 14 -14.81 -16.36 -4.63
CA ALA D 14 -15.24 -15.38 -3.65
C ALA D 14 -16.49 -15.93 -3.00
N ALA D 15 -16.64 -15.67 -1.71
CA ALA D 15 -17.71 -16.30 -0.94
C ALA D 15 -18.33 -15.34 0.05
N THR D 16 -19.64 -15.49 0.23
CA THR D 16 -20.44 -14.96 1.32
C THR D 16 -20.97 -16.15 2.10
N PRO D 17 -21.46 -15.96 3.33
CA PRO D 17 -22.16 -17.07 3.98
C PRO D 17 -23.39 -17.55 3.21
N THR D 18 -23.93 -16.74 2.29
CA THR D 18 -25.12 -17.10 1.52
C THR D 18 -24.90 -17.08 0.02
N SER D 19 -23.68 -16.89 -0.46
CA SER D 19 -23.52 -16.79 -1.90
C SER D 19 -22.08 -17.09 -2.27
N LEU D 20 -21.91 -17.50 -3.52
CA LEU D 20 -20.62 -17.93 -4.03
C LEU D 20 -20.42 -17.35 -5.41
N LEU D 21 -19.17 -17.07 -5.73
CA LEU D 21 -18.80 -16.71 -7.07
C LEU D 21 -17.88 -17.81 -7.56
N ILE D 22 -18.28 -18.50 -8.63
CA ILE D 22 -17.50 -19.61 -9.14
C ILE D 22 -16.89 -19.24 -10.47
N SER D 23 -15.85 -19.98 -10.82
CA SER D 23 -15.12 -19.75 -12.05
C SER D 23 -14.62 -21.10 -12.54
N TRP D 24 -14.55 -21.23 -13.86
CA TRP D 24 -14.06 -22.43 -14.51
C TRP D 24 -13.28 -22.01 -15.75
N ASP D 25 -12.53 -22.94 -16.32
CA ASP D 25 -11.82 -22.67 -17.56
C ASP D 25 -12.65 -23.20 -18.74
N ALA D 26 -12.76 -22.39 -19.78
CA ALA D 26 -13.54 -22.78 -20.95
C ALA D 26 -12.92 -24.02 -21.59
N PRO D 27 -13.69 -25.08 -21.85
CA PRO D 27 -13.14 -26.29 -22.49
C PRO D 27 -12.97 -26.18 -23.98
N ALA D 28 -13.50 -25.15 -24.63
CA ALA D 28 -13.45 -25.06 -26.07
C ALA D 28 -14.03 -23.73 -26.50
N VAL D 29 -13.80 -23.40 -27.77
CA VAL D 29 -14.25 -22.15 -28.36
C VAL D 29 -15.72 -22.17 -28.73
N THR D 30 -16.32 -23.36 -28.74
CA THR D 30 -17.61 -23.59 -29.38
C THR D 30 -18.75 -23.79 -28.40
N VAL D 31 -18.53 -23.53 -27.10
CA VAL D 31 -19.60 -23.71 -26.12
C VAL D 31 -20.73 -22.74 -26.44
N VAL D 32 -21.95 -23.26 -26.51
CA VAL D 32 -23.10 -22.40 -26.74
C VAL D 32 -23.51 -21.72 -25.43
N PHE D 33 -23.65 -22.49 -24.35
CA PHE D 33 -23.88 -21.98 -23.01
C PHE D 33 -23.39 -23.05 -22.04
N TYR D 34 -23.23 -22.65 -20.79
CA TYR D 34 -22.92 -23.58 -19.72
C TYR D 34 -24.13 -23.77 -18.86
N VAL D 35 -24.25 -24.97 -18.27
CA VAL D 35 -25.25 -25.27 -17.26
C VAL D 35 -24.54 -25.36 -15.93
N ILE D 36 -25.07 -24.67 -14.92
CA ILE D 36 -24.59 -24.75 -13.55
C ILE D 36 -25.68 -25.37 -12.69
N THR D 37 -25.32 -26.38 -11.91
CA THR D 37 -26.25 -26.97 -10.99
C THR D 37 -25.67 -26.90 -9.58
N TYR D 38 -26.55 -26.79 -8.60
CA TYR D 38 -26.10 -26.78 -7.21
C TYR D 38 -27.22 -27.31 -6.33
N GLY D 39 -26.79 -27.99 -5.27
CA GLY D 39 -27.73 -28.52 -4.30
C GLY D 39 -26.99 -28.90 -3.03
N GLU D 40 -27.74 -29.03 -1.94
CA GLU D 40 -27.12 -29.46 -0.69
C GLU D 40 -26.59 -30.88 -0.84
N THR D 41 -25.34 -31.07 -0.44
CA THR D 41 -24.67 -32.36 -0.51
C THR D 41 -25.40 -33.36 0.37
N GLY D 42 -25.83 -34.47 -0.21
CA GLY D 42 -26.56 -35.47 0.52
C GLY D 42 -27.90 -35.02 1.04
N GLY D 43 -28.21 -33.73 0.99
CA GLY D 43 -29.55 -33.29 1.24
C GLY D 43 -30.41 -33.86 0.13
N ASN D 44 -31.56 -34.40 0.49
CA ASN D 44 -32.48 -34.91 -0.50
C ASN D 44 -33.37 -33.83 -1.06
N SER D 45 -32.95 -32.57 -0.91
CA SER D 45 -33.64 -31.47 -1.52
C SER D 45 -33.32 -31.43 -3.02
N PRO D 46 -34.21 -30.86 -3.83
CA PRO D 46 -34.01 -30.87 -5.27
C PRO D 46 -32.86 -29.95 -5.69
N VAL D 47 -32.13 -30.39 -6.70
CA VAL D 47 -31.02 -29.62 -7.26
C VAL D 47 -31.59 -28.50 -8.13
N GLN D 48 -30.95 -27.34 -8.11
CA GLN D 48 -31.35 -26.24 -8.98
C GLN D 48 -30.34 -26.08 -10.10
N GLU D 49 -30.80 -25.64 -11.27
CA GLU D 49 -29.83 -25.36 -12.32
C GLU D 49 -30.19 -24.05 -12.99
N PHE D 50 -29.17 -23.45 -13.61
CA PHE D 50 -29.31 -22.24 -14.42
C PHE D 50 -28.22 -22.25 -15.48
N THR D 51 -28.29 -21.29 -16.41
CA THR D 51 -27.31 -21.23 -17.49
C THR D 51 -26.57 -19.89 -17.50
N VAL D 52 -25.39 -19.89 -18.08
CA VAL D 52 -24.69 -18.66 -18.45
C VAL D 52 -24.21 -18.84 -19.88
N PRO D 53 -24.15 -17.77 -20.66
CA PRO D 53 -23.77 -17.90 -22.07
C PRO D 53 -22.33 -18.34 -22.21
N GLY D 54 -22.05 -18.89 -23.39
CA GLY D 54 -20.75 -19.46 -23.64
C GLY D 54 -19.63 -18.43 -23.55
N SER D 55 -19.96 -17.15 -23.68
CA SER D 55 -18.96 -16.10 -23.55
C SER D 55 -18.50 -15.86 -22.11
N LYS D 56 -19.19 -16.41 -21.11
CA LYS D 56 -18.85 -16.25 -19.70
C LYS D 56 -18.26 -17.54 -19.13
N SER D 57 -17.33 -17.41 -18.18
CA SER D 57 -16.82 -18.56 -17.44
C SER D 57 -16.83 -18.32 -15.94
N THR D 58 -17.74 -17.47 -15.48
CA THR D 58 -18.01 -17.25 -14.08
C THR D 58 -19.51 -17.22 -13.85
N ALA D 59 -19.89 -17.49 -12.61
CA ALA D 59 -21.29 -17.40 -12.24
C ALA D 59 -21.40 -17.09 -10.75
N THR D 60 -22.50 -16.43 -10.41
CA THR D 60 -22.87 -16.18 -9.02
C THR D 60 -24.01 -17.09 -8.63
N ILE D 61 -23.86 -17.76 -7.49
CA ILE D 61 -24.91 -18.55 -6.88
C ILE D 61 -25.30 -17.87 -5.57
N SER D 62 -26.58 -17.55 -5.41
CA SER D 62 -27.06 -16.81 -4.24
C SER D 62 -28.21 -17.55 -3.57
N GLY D 63 -28.57 -17.08 -2.38
CA GLY D 63 -29.68 -17.64 -1.64
C GLY D 63 -29.35 -18.93 -0.94
N LEU D 64 -28.11 -19.11 -0.50
CA LEU D 64 -27.69 -20.36 0.11
C LEU D 64 -27.82 -20.30 1.63
N LYS D 65 -27.83 -21.47 2.25
CA LYS D 65 -27.81 -21.55 3.71
C LYS D 65 -26.38 -21.52 4.22
N PRO D 66 -26.05 -20.69 5.20
CA PRO D 66 -24.66 -20.64 5.68
C PRO D 66 -24.26 -21.92 6.39
N GLY D 67 -22.98 -22.24 6.28
CA GLY D 67 -22.47 -23.43 6.94
C GLY D 67 -23.12 -24.71 6.46
N VAL D 68 -23.53 -24.77 5.19
CA VAL D 68 -24.12 -25.95 4.59
C VAL D 68 -23.20 -26.43 3.46
N ASP D 69 -23.05 -27.74 3.34
CA ASP D 69 -22.26 -28.28 2.25
C ASP D 69 -23.10 -28.33 0.98
N TYR D 70 -22.53 -27.84 -0.10
CA TYR D 70 -23.20 -27.78 -1.40
C TYR D 70 -22.34 -28.49 -2.40
N THR D 71 -23.00 -29.18 -3.33
CA THR D 71 -22.35 -29.76 -4.48
C THR D 71 -22.73 -28.90 -5.69
N ILE D 72 -21.71 -28.40 -6.39
CA ILE D 72 -21.83 -27.48 -7.51
C ILE D 72 -21.24 -28.16 -8.73
N THR D 73 -21.99 -28.17 -9.84
CA THR D 73 -21.58 -28.84 -11.06
C THR D 73 -21.67 -27.87 -12.22
N VAL D 74 -20.74 -27.97 -13.16
CA VAL D 74 -20.76 -27.19 -14.40
C VAL D 74 -20.53 -28.13 -15.59
N TYR D 75 -21.30 -27.95 -16.65
CA TYR D 75 -20.98 -28.60 -17.89
C TYR D 75 -21.34 -27.70 -19.04
N ALA D 76 -20.70 -27.97 -20.18
CA ALA D 76 -20.84 -27.20 -21.39
C ALA D 76 -21.88 -27.86 -22.30
N GLU D 77 -22.67 -27.02 -22.99
CA GLU D 77 -23.61 -27.46 -24.00
C GLU D 77 -23.13 -26.98 -25.36
N TYR D 78 -23.16 -27.89 -26.33
CA TYR D 78 -22.66 -27.71 -27.69
C TYR D 78 -23.76 -28.00 -28.71
N TYR D 79 -23.61 -27.48 -29.93
CA TYR D 79 -24.47 -27.99 -30.99
C TYR D 79 -24.18 -29.48 -31.15
N GLY D 80 -25.21 -30.30 -30.99
CA GLY D 80 -25.13 -31.73 -31.19
C GLY D 80 -24.69 -32.56 -29.99
N MET D 81 -24.31 -31.96 -28.88
CA MET D 81 -23.69 -32.77 -27.84
C MET D 81 -23.71 -32.03 -26.51
N THR D 82 -23.75 -32.81 -25.43
CA THR D 82 -23.68 -32.29 -24.07
C THR D 82 -22.36 -32.74 -23.44
N GLY D 83 -21.59 -31.78 -22.91
CA GLY D 83 -20.32 -32.11 -22.28
C GLY D 83 -20.49 -32.78 -20.94
N SER D 84 -19.41 -33.41 -20.47
CA SER D 84 -19.53 -34.07 -19.19
C SER D 84 -19.21 -33.09 -18.08
N PRO D 85 -19.70 -33.34 -16.87
CA PRO D 85 -19.64 -32.32 -15.83
C PRO D 85 -18.37 -32.38 -14.99
N ILE D 86 -18.04 -31.24 -14.41
CA ILE D 86 -17.05 -31.13 -13.35
C ILE D 86 -17.79 -30.67 -12.10
N SER D 87 -17.41 -31.22 -10.94
N SER D 87 -17.37 -31.16 -10.94
CA SER D 87 -18.12 -30.98 -9.70
CA SER D 87 -18.12 -30.98 -9.71
C SER D 87 -17.11 -30.64 -8.60
C SER D 87 -17.18 -30.75 -8.54
N ILE D 88 -17.58 -29.85 -7.63
CA ILE D 88 -16.86 -29.61 -6.39
C ILE D 88 -17.88 -29.58 -5.27
N ASN D 89 -17.41 -29.87 -4.05
CA ASN D 89 -18.18 -29.67 -2.83
C ASN D 89 -17.62 -28.45 -2.13
N TYR D 90 -18.50 -27.64 -1.55
CA TYR D 90 -18.06 -26.43 -0.86
C TYR D 90 -19.02 -26.18 0.29
N ARG D 91 -18.46 -25.92 1.46
CA ARG D 91 -19.25 -25.58 2.63
C ARG D 91 -19.27 -24.07 2.78
N THR D 92 -20.47 -23.50 2.86
CA THR D 92 -20.62 -22.07 3.10
C THR D 92 -20.21 -21.75 4.56
#